data_2DT2
#
_entry.id   2DT2
#
_cell.length_a   62.540
_cell.length_b   66.470
_cell.length_c   107.333
_cell.angle_alpha   90.00
_cell.angle_beta   90.00
_cell.angle_gamma   90.00
#
_symmetry.space_group_name_H-M   'P 21 21 21'
#
loop_
_entity.id
_entity.type
_entity.pdbx_description
1 polymer 'Chitinase-3-like protein 1'
2 branched 2-acetamido-2-deoxy-beta-D-glucopyranose-(1-4)-2-acetamido-2-deoxy-beta-D-glucopyranose
3 branched 2-acetamido-2-deoxy-beta-D-glucopyranose-(1-4)-2-acetamido-2-deoxy-beta-D-glucopyranose-(1-4)-2-acetamido-2-deoxy-beta-D-glucopyranose-(1-4)-2-acetamido-2-deoxy-beta-D-glucopyranose-(1-4)-2-acetamido-2-deoxy-beta-D-glucopyranose
4 water water
#
_entity_poly.entity_id   1
_entity_poly.type   'polypeptide(L)'
_entity_poly.pdbx_seq_one_letter_code
;YKLICYYTSWSQYREGDGSCFPDAIDPFLCTHVIYSFANISNNEIDTWEWNDVTLYDTLNTLKNRNPKLKTLLSVGGWNF
GPERFSKIASKTQSRRTFIKSVPPFLRTHGFDGLDLAWLYPGRRDKRHLTALVKEMKAEFAREAQAGTERLLLSAAVSAG
KIAIDRGYDIAQISRHLDFISLLTYDFHGAWRQTVGHHSPLFRGNSDASSRFSNADYAVSYMLRLGAPANKLVMGIPTFG
RSFTLASSKTDVGAPISGPGIPGRFTKEKGILAYYEICDFLHGATTHRFRDQQVPYATKGNQWVAYDDQESVKNKARYLK
NRQLAGAMVWALDLDDFRGTFCGQNLTFPLTSAVKDVLARV
;
_entity_poly.pdbx_strand_id   A
#
loop_
_chem_comp.id
_chem_comp.type
_chem_comp.name
_chem_comp.formula
NAG D-saccharide, beta linking 2-acetamido-2-deoxy-beta-D-glucopyranose 'C8 H15 N O6'
#
# COMPACT_ATOMS: atom_id res chain seq x y z
N TYR A 1 -13.03 -8.08 -10.15
CA TYR A 1 -12.00 -7.86 -9.10
C TYR A 1 -11.22 -6.60 -9.42
N LYS A 2 -10.90 -5.84 -8.38
CA LYS A 2 -10.15 -4.59 -8.51
C LYS A 2 -8.66 -4.80 -8.29
N LEU A 3 -7.84 -4.03 -8.98
CA LEU A 3 -6.40 -4.12 -8.81
C LEU A 3 -5.93 -2.68 -8.60
N ILE A 4 -5.74 -2.31 -7.34
CA ILE A 4 -5.31 -0.95 -7.00
C ILE A 4 -3.80 -0.91 -6.81
N CYS A 5 -3.13 -0.14 -7.67
CA CYS A 5 -1.70 -0.02 -7.65
C CYS A 5 -1.17 1.35 -7.35
N TYR A 6 -0.35 1.46 -6.32
CA TYR A 6 0.26 2.71 -5.92
C TYR A 6 1.53 3.01 -6.71
N TYR A 7 1.71 4.27 -7.06
CA TYR A 7 2.92 4.67 -7.75
C TYR A 7 3.45 5.83 -6.91
N THR A 8 4.73 5.80 -6.57
CA THR A 8 5.30 6.86 -5.73
C THR A 8 6.12 7.97 -6.40
N SER A 9 5.86 9.18 -5.94
CA SER A 9 6.47 10.43 -6.39
C SER A 9 7.97 10.40 -6.54
N TRP A 10 8.62 9.98 -5.46
CA TRP A 10 10.06 9.94 -5.32
C TRP A 10 10.86 8.84 -6.01
N SER A 11 10.20 8.01 -6.80
CA SER A 11 10.94 6.95 -7.49
C SER A 11 11.58 7.47 -8.76
N GLN A 12 11.32 8.73 -9.07
CA GLN A 12 11.88 9.37 -10.25
C GLN A 12 13.34 9.72 -10.00
N TYR A 13 13.69 9.92 -8.73
CA TYR A 13 15.03 10.30 -8.33
C TYR A 13 16.06 9.17 -8.23
N ARG A 14 15.62 7.92 -8.24
CA ARG A 14 16.55 6.81 -8.13
C ARG A 14 17.48 6.78 -9.34
N GLU A 15 18.71 6.34 -9.15
CA GLU A 15 19.66 6.32 -10.27
C GLU A 15 19.57 5.15 -11.22
N GLY A 16 19.96 5.42 -12.46
CA GLY A 16 19.93 4.40 -13.49
C GLY A 16 18.57 3.81 -13.72
N ASP A 17 18.52 2.48 -13.73
CA ASP A 17 17.29 1.72 -13.96
C ASP A 17 16.31 1.91 -12.81
N GLY A 18 16.82 2.34 -11.67
CA GLY A 18 15.96 2.55 -10.54
C GLY A 18 14.90 3.60 -10.83
N SER A 19 15.27 4.63 -11.59
CA SER A 19 14.34 5.70 -11.92
C SER A 19 13.09 5.15 -12.59
N CYS A 20 11.94 5.61 -12.11
CA CYS A 20 10.65 5.18 -12.65
C CYS A 20 9.71 6.36 -12.84
N PHE A 21 9.13 6.47 -14.03
CA PHE A 21 8.19 7.54 -14.30
C PHE A 21 6.85 6.92 -14.69
N PRO A 22 5.74 7.66 -14.55
CA PRO A 22 4.38 7.23 -14.89
C PRO A 22 4.39 6.48 -16.21
N ASP A 23 5.34 6.90 -17.02
CA ASP A 23 5.71 6.37 -18.32
C ASP A 23 5.72 4.84 -18.40
N ALA A 24 6.47 4.25 -17.48
CA ALA A 24 6.70 2.82 -17.37
C ALA A 24 5.51 1.95 -17.01
N ILE A 25 4.39 2.58 -16.70
CA ILE A 25 3.20 1.83 -16.28
C ILE A 25 2.35 1.29 -17.43
N ASP A 26 2.11 -0.02 -17.38
CA ASP A 26 1.30 -0.69 -18.39
C ASP A 26 -0.13 -0.26 -18.07
N PRO A 27 -0.79 0.46 -19.00
CA PRO A 27 -2.15 0.95 -18.83
C PRO A 27 -3.21 -0.11 -18.53
N PHE A 28 -2.98 -1.33 -18.99
CA PHE A 28 -3.97 -2.38 -18.78
C PHE A 28 -3.67 -3.29 -17.61
N LEU A 29 -2.58 -3.01 -16.91
CA LEU A 29 -2.20 -3.82 -15.78
C LEU A 29 -3.19 -3.72 -14.62
N CYS A 30 -3.32 -2.54 -14.03
CA CYS A 30 -4.21 -2.36 -12.89
C CYS A 30 -5.51 -1.70 -13.31
N THR A 31 -6.49 -1.69 -12.40
CA THR A 31 -7.77 -1.04 -12.68
C THR A 31 -7.71 0.37 -12.12
N HIS A 32 -6.96 0.53 -11.02
CA HIS A 32 -6.79 1.84 -10.37
C HIS A 32 -5.32 2.07 -10.04
N VAL A 33 -4.84 3.26 -10.37
CA VAL A 33 -3.47 3.63 -10.03
C VAL A 33 -3.60 4.84 -9.11
N ILE A 34 -2.98 4.76 -7.94
CA ILE A 34 -3.03 5.85 -6.96
C ILE A 34 -1.68 6.53 -6.84
N TYR A 35 -1.63 7.84 -7.12
CA TYR A 35 -0.39 8.62 -7.04
C TYR A 35 -0.12 9.00 -5.58
N SER A 36 1.11 8.84 -5.10
CA SER A 36 1.44 9.18 -3.72
C SER A 36 2.63 10.13 -3.71
N PHE A 37 2.58 11.22 -2.95
CA PHE A 37 1.45 11.58 -2.10
C PHE A 37 1.16 13.07 -2.32
N ALA A 38 -0.06 13.49 -2.04
CA ALA A 38 -0.40 14.90 -2.15
C ALA A 38 -0.05 15.43 -0.76
N ASN A 39 0.15 16.75 -0.62
CA ASN A 39 0.47 17.44 0.63
C ASN A 39 -0.71 18.33 1.03
N ILE A 40 -0.64 18.96 2.21
CA ILE A 40 -1.69 19.85 2.69
C ILE A 40 -1.01 21.12 3.19
N SER A 41 -1.41 22.29 2.68
CA SER A 41 -0.83 23.55 3.14
C SER A 41 -1.88 24.66 3.17
N ASN A 42 -1.87 25.43 4.25
CA ASN A 42 -2.85 26.48 4.49
C ASN A 42 -4.22 25.81 4.39
N ASN A 43 -4.24 24.57 4.87
CA ASN A 43 -5.43 23.71 4.94
C ASN A 43 -6.07 23.25 3.64
N GLU A 44 -5.29 23.25 2.56
CA GLU A 44 -5.84 22.80 1.29
C GLU A 44 -4.99 21.71 0.70
N ILE A 45 -5.59 20.87 -0.14
CA ILE A 45 -4.79 19.83 -0.75
C ILE A 45 -3.79 20.60 -1.61
N ASP A 46 -2.59 20.04 -1.78
CA ASP A 46 -1.60 20.74 -2.58
C ASP A 46 -0.56 19.77 -3.12
N THR A 47 0.33 20.24 -3.98
CA THR A 47 1.35 19.36 -4.56
C THR A 47 2.50 19.12 -3.62
N TRP A 48 3.41 18.22 -4.00
CA TRP A 48 4.55 17.89 -3.16
C TRP A 48 5.91 18.09 -3.86
N GLU A 49 6.13 17.43 -5.00
CA GLU A 49 7.37 17.59 -5.73
C GLU A 49 7.19 18.74 -6.71
N TRP A 50 8.25 19.49 -6.97
CA TRP A 50 8.17 20.61 -7.90
C TRP A 50 7.46 20.26 -9.21
N ASN A 51 7.78 19.09 -9.76
CA ASN A 51 7.22 18.67 -11.04
C ASN A 51 5.99 17.75 -10.99
N ASP A 52 5.17 17.86 -9.96
CA ASP A 52 3.98 17.02 -9.87
C ASP A 52 2.96 17.27 -10.98
N VAL A 53 2.66 18.53 -11.25
CA VAL A 53 1.69 18.87 -12.28
C VAL A 53 2.01 18.18 -13.61
N THR A 54 3.30 17.95 -13.85
CA THR A 54 3.74 17.29 -15.07
C THR A 54 3.45 15.80 -14.96
N LEU A 55 4.00 15.18 -13.93
CA LEU A 55 3.79 13.76 -13.72
C LEU A 55 2.29 13.45 -13.55
N TYR A 56 1.53 14.39 -12.98
CA TYR A 56 0.08 14.21 -12.82
C TYR A 56 -0.52 13.94 -14.18
N ASP A 57 -0.07 14.78 -15.12
CA ASP A 57 -0.50 14.76 -16.50
C ASP A 57 -0.08 13.48 -17.21
N THR A 58 1.16 13.07 -16.99
CA THR A 58 1.73 11.87 -17.61
C THR A 58 0.96 10.62 -17.25
N LEU A 59 0.68 10.52 -15.96
CA LEU A 59 -0.07 9.42 -15.37
C LEU A 59 -1.47 9.40 -15.95
N ASN A 60 -2.11 10.55 -15.94
CA ASN A 60 -3.47 10.63 -16.42
C ASN A 60 -3.66 10.52 -17.94
N THR A 61 -2.58 10.57 -18.71
CA THR A 61 -2.77 10.42 -20.14
C THR A 61 -2.83 8.94 -20.48
N LEU A 62 -2.54 8.06 -19.51
CA LEU A 62 -2.61 6.62 -19.75
C LEU A 62 -4.09 6.28 -19.99
N LYS A 63 -4.96 7.12 -19.46
CA LYS A 63 -6.40 6.91 -19.64
C LYS A 63 -6.76 7.05 -21.11
N ASN A 64 -5.83 7.52 -21.92
CA ASN A 64 -6.06 7.67 -23.35
C ASN A 64 -5.89 6.32 -24.01
N ARG A 65 -4.99 5.51 -23.46
CA ARG A 65 -4.76 4.20 -24.02
C ARG A 65 -5.77 3.20 -23.45
N ASN A 66 -6.09 3.38 -22.18
CA ASN A 66 -7.07 2.52 -21.51
C ASN A 66 -8.13 3.45 -20.94
N PRO A 67 -9.25 3.58 -21.64
CA PRO A 67 -10.29 4.48 -21.14
C PRO A 67 -10.96 4.06 -19.84
N LYS A 68 -10.84 2.79 -19.46
CA LYS A 68 -11.47 2.30 -18.23
C LYS A 68 -10.59 2.50 -16.98
N LEU A 69 -9.36 2.92 -17.19
CA LEU A 69 -8.44 3.13 -16.08
C LEU A 69 -8.86 4.34 -15.23
N LYS A 70 -8.87 4.16 -13.91
CA LYS A 70 -9.23 5.21 -12.98
C LYS A 70 -8.02 5.54 -12.13
N THR A 71 -7.77 6.83 -11.92
CA THR A 71 -6.63 7.26 -11.11
C THR A 71 -7.08 8.04 -9.89
N LEU A 72 -6.28 7.99 -8.84
CA LEU A 72 -6.61 8.70 -7.62
C LEU A 72 -5.35 9.33 -7.05
N LEU A 73 -5.52 10.38 -6.26
CA LEU A 73 -4.40 11.05 -5.62
C LEU A 73 -4.51 10.65 -4.16
N SER A 74 -3.38 10.47 -3.49
CA SER A 74 -3.39 10.08 -2.08
C SER A 74 -2.83 11.18 -1.19
N VAL A 75 -3.53 11.54 -0.11
CA VAL A 75 -3.04 12.57 0.82
C VAL A 75 -2.62 11.84 2.06
N GLY A 76 -1.46 12.23 2.61
CA GLY A 76 -1.00 11.58 3.80
C GLY A 76 0.31 10.85 3.57
N GLY A 77 0.38 9.61 4.03
CA GLY A 77 1.60 8.85 3.86
C GLY A 77 2.36 8.86 5.16
N TRP A 78 3.41 8.05 5.25
CA TRP A 78 4.15 7.99 6.50
C TRP A 78 5.09 9.19 6.80
N ASN A 79 5.48 9.97 5.78
CA ASN A 79 6.35 11.13 6.00
C ASN A 79 5.51 12.38 6.20
N PHE A 80 4.25 12.16 6.50
CA PHE A 80 3.29 13.22 6.75
C PHE A 80 2.92 12.98 8.22
N GLY A 81 3.17 13.96 9.07
CA GLY A 81 2.87 13.75 10.48
C GLY A 81 1.39 13.60 10.79
N PRO A 82 0.98 12.49 11.41
CA PRO A 82 -0.43 12.30 11.75
C PRO A 82 -0.99 13.47 12.56
N GLU A 83 -0.12 14.15 13.30
CA GLU A 83 -0.53 15.30 14.10
C GLU A 83 -1.09 16.33 13.16
N ARG A 84 -0.51 16.41 11.98
CA ARG A 84 -0.98 17.37 11.00
C ARG A 84 -2.39 16.98 10.55
N PHE A 85 -2.59 15.70 10.24
CA PHE A 85 -3.91 15.28 9.84
C PHE A 85 -4.85 15.59 10.97
N SER A 86 -4.44 15.17 12.17
CA SER A 86 -5.22 15.36 13.38
C SER A 86 -5.63 16.79 13.63
N LYS A 87 -4.72 17.72 13.39
CA LYS A 87 -4.99 19.14 13.60
C LYS A 87 -6.03 19.65 12.61
N ILE A 88 -6.01 19.13 11.38
CA ILE A 88 -6.96 19.54 10.34
C ILE A 88 -8.35 18.95 10.58
N ALA A 89 -8.38 17.67 10.95
CA ALA A 89 -9.63 16.98 11.15
C ALA A 89 -10.44 17.35 12.40
N SER A 90 -9.77 17.85 13.44
CA SER A 90 -10.43 18.19 14.70
C SER A 90 -11.25 19.47 14.75
N LYS A 91 -10.94 20.44 13.90
CA LYS A 91 -11.64 21.72 13.89
C LYS A 91 -12.56 21.82 12.69
N THR A 92 -13.86 21.66 12.88
CA THR A 92 -14.78 21.73 11.74
C THR A 92 -14.42 22.83 10.71
N GLN A 93 -13.90 23.97 11.15
CA GLN A 93 -13.56 25.03 10.20
C GLN A 93 -12.38 24.63 9.29
N SER A 94 -11.28 24.15 9.86
CA SER A 94 -10.14 23.76 9.02
C SER A 94 -10.45 22.51 8.21
N ARG A 95 -11.34 21.67 8.73
CA ARG A 95 -11.75 20.44 8.05
C ARG A 95 -12.59 20.75 6.82
N ARG A 96 -13.56 21.65 6.97
CA ARG A 96 -14.45 22.04 5.89
C ARG A 96 -13.64 22.72 4.78
N THR A 97 -12.68 23.54 5.17
CA THR A 97 -11.82 24.27 4.23
C THR A 97 -11.02 23.32 3.32
N PHE A 98 -10.55 22.23 3.91
CA PHE A 98 -9.78 21.23 3.19
C PHE A 98 -10.69 20.46 2.23
N ILE A 99 -11.79 19.94 2.78
CA ILE A 99 -12.78 19.21 1.98
C ILE A 99 -13.17 20.04 0.77
N LYS A 100 -13.57 21.29 1.00
CA LYS A 100 -13.99 22.18 -0.07
C LYS A 100 -12.91 22.41 -1.12
N SER A 101 -11.65 22.26 -0.75
CA SER A 101 -10.57 22.52 -1.69
C SER A 101 -10.20 21.34 -2.55
N VAL A 102 -10.70 20.16 -2.19
CA VAL A 102 -10.35 18.95 -2.91
C VAL A 102 -10.89 18.70 -4.32
N PRO A 103 -12.22 18.70 -4.50
CA PRO A 103 -12.78 18.47 -5.83
C PRO A 103 -12.19 19.29 -6.99
N PRO A 104 -12.08 20.62 -6.84
CA PRO A 104 -11.52 21.40 -7.95
C PRO A 104 -10.10 20.95 -8.32
N PHE A 105 -9.35 20.55 -7.31
CA PHE A 105 -7.97 20.13 -7.51
C PHE A 105 -7.94 18.85 -8.33
N LEU A 106 -8.68 17.86 -7.88
CA LEU A 106 -8.74 16.60 -8.60
C LEU A 106 -9.17 16.85 -10.05
N ARG A 107 -10.21 17.65 -10.21
CA ARG A 107 -10.73 17.94 -11.54
C ARG A 107 -9.72 18.66 -12.46
N THR A 108 -8.96 19.62 -11.92
CA THR A 108 -7.98 20.32 -12.74
C THR A 108 -6.94 19.36 -13.28
N HIS A 109 -6.55 18.42 -12.45
CA HIS A 109 -5.51 17.47 -12.81
C HIS A 109 -6.00 16.13 -13.31
N GLY A 110 -7.30 16.05 -13.53
CA GLY A 110 -7.88 14.83 -14.08
C GLY A 110 -7.83 13.57 -13.26
N PHE A 111 -7.99 13.68 -11.95
CA PHE A 111 -8.01 12.50 -11.09
C PHE A 111 -9.47 12.11 -10.95
N ASP A 112 -9.72 10.82 -10.66
CA ASP A 112 -11.08 10.34 -10.52
C ASP A 112 -11.47 10.14 -9.07
N GLY A 113 -10.57 10.48 -8.16
CA GLY A 113 -10.87 10.32 -6.75
C GLY A 113 -9.73 10.69 -5.83
N LEU A 114 -10.01 10.61 -4.54
CA LEU A 114 -9.04 10.92 -3.50
C LEU A 114 -8.82 9.71 -2.60
N ASP A 115 -7.60 9.50 -2.16
CA ASP A 115 -7.30 8.40 -1.26
C ASP A 115 -6.67 8.95 0.00
N LEU A 116 -7.23 8.55 1.15
CA LEU A 116 -6.76 9.01 2.46
C LEU A 116 -5.79 8.06 3.12
N ALA A 117 -4.56 8.54 3.30
CA ALA A 117 -3.53 7.74 3.95
C ALA A 117 -3.07 8.35 5.26
N TRP A 118 -4.02 8.59 6.17
CA TRP A 118 -3.73 9.13 7.50
C TRP A 118 -3.07 7.98 8.25
N LEU A 119 -1.78 8.09 8.56
CA LEU A 119 -1.06 7.03 9.24
C LEU A 119 -0.35 7.49 10.51
N TYR A 120 -0.97 7.35 11.69
CA TYR A 120 -2.29 6.76 11.87
C TYR A 120 -3.05 7.57 12.90
N PRO A 121 -4.39 7.49 12.86
CA PRO A 121 -5.18 8.24 13.83
C PRO A 121 -5.12 7.52 15.17
N GLY A 122 -5.21 8.25 16.27
CA GLY A 122 -5.15 7.63 17.57
C GLY A 122 -6.50 7.62 18.25
N ARG A 123 -6.52 7.17 19.50
CA ARG A 123 -7.73 7.11 20.29
C ARG A 123 -8.53 8.40 20.17
N ARG A 124 -7.86 9.55 20.30
CA ARG A 124 -8.55 10.84 20.22
C ARG A 124 -8.92 11.28 18.81
N ASP A 125 -8.66 10.45 17.80
CA ASP A 125 -8.98 10.83 16.43
C ASP A 125 -10.13 10.05 15.81
N LYS A 126 -10.39 8.86 16.35
CA LYS A 126 -11.45 8.01 15.84
C LYS A 126 -12.68 8.81 15.38
N ARG A 127 -13.19 9.67 16.26
CA ARG A 127 -14.38 10.48 15.97
C ARG A 127 -14.20 11.44 14.81
N HIS A 128 -13.04 12.05 14.70
CA HIS A 128 -12.78 13.00 13.64
C HIS A 128 -12.52 12.32 12.31
N LEU A 129 -11.86 11.17 12.35
CA LEU A 129 -11.62 10.42 11.13
C LEU A 129 -13.01 10.19 10.54
N THR A 130 -13.99 9.90 11.38
CA THR A 130 -15.34 9.65 10.88
C THR A 130 -15.97 10.92 10.31
N ALA A 131 -15.83 12.03 11.01
CA ALA A 131 -16.42 13.29 10.54
C ALA A 131 -15.87 13.61 9.15
N LEU A 132 -14.56 13.42 9.00
CA LEU A 132 -13.85 13.71 7.75
C LEU A 132 -14.32 12.86 6.57
N VAL A 133 -14.39 11.56 6.77
CA VAL A 133 -14.83 10.66 5.71
C VAL A 133 -16.26 10.97 5.29
N LYS A 134 -17.12 11.13 6.29
CA LYS A 134 -18.52 11.42 6.09
C LYS A 134 -18.74 12.71 5.30
N GLU A 135 -18.18 13.80 5.80
CA GLU A 135 -18.31 15.11 5.17
C GLU A 135 -17.69 15.18 3.80
N MET A 136 -16.54 14.54 3.65
CA MET A 136 -15.83 14.51 2.37
C MET A 136 -16.70 13.80 1.32
N LYS A 137 -17.28 12.65 1.71
CA LYS A 137 -18.12 11.91 0.78
C LYS A 137 -19.30 12.79 0.37
N ALA A 138 -19.94 13.40 1.36
CA ALA A 138 -21.08 14.25 1.09
C ALA A 138 -20.71 15.31 0.07
N GLU A 139 -19.49 15.84 0.17
CA GLU A 139 -19.03 16.85 -0.76
C GLU A 139 -18.91 16.28 -2.17
N PHE A 140 -18.58 15.00 -2.28
CA PHE A 140 -18.45 14.37 -3.58
C PHE A 140 -19.81 14.14 -4.23
N ALA A 141 -20.81 13.79 -3.43
CA ALA A 141 -22.16 13.57 -3.95
C ALA A 141 -22.69 14.91 -4.47
N ARG A 142 -22.62 15.93 -3.61
CA ARG A 142 -23.07 17.27 -3.95
C ARG A 142 -22.38 17.76 -5.22
N GLU A 143 -21.10 17.47 -5.37
CA GLU A 143 -20.38 17.93 -6.54
C GLU A 143 -20.75 17.20 -7.83
N ALA A 144 -21.23 15.97 -7.75
CA ALA A 144 -21.59 15.24 -8.96
C ALA A 144 -22.82 15.86 -9.62
N GLN A 145 -23.49 16.73 -8.88
CA GLN A 145 -24.68 17.39 -9.40
C GLN A 145 -24.34 18.22 -10.62
N ALA A 146 -23.09 18.70 -10.67
CA ALA A 146 -22.65 19.53 -11.79
C ALA A 146 -22.63 18.75 -13.10
N GLY A 147 -23.10 17.50 -13.04
CA GLY A 147 -23.19 16.69 -14.25
C GLY A 147 -21.97 15.92 -14.70
N THR A 148 -21.02 15.73 -13.80
CA THR A 148 -19.81 15.01 -14.11
C THR A 148 -19.81 13.75 -13.21
N GLU A 149 -18.94 12.78 -13.48
CA GLU A 149 -18.93 11.54 -12.70
C GLU A 149 -18.46 11.64 -11.24
N ARG A 150 -19.28 11.15 -10.30
CA ARG A 150 -18.94 11.20 -8.87
C ARG A 150 -17.49 10.78 -8.61
N LEU A 151 -16.76 11.59 -7.84
CA LEU A 151 -15.36 11.28 -7.52
C LEU A 151 -15.33 10.16 -6.48
N LEU A 152 -14.34 9.28 -6.57
CA LEU A 152 -14.22 8.16 -5.64
C LEU A 152 -13.48 8.55 -4.36
N LEU A 153 -13.80 7.87 -3.27
CA LEU A 153 -13.15 8.15 -1.99
C LEU A 153 -12.73 6.84 -1.34
N SER A 154 -11.43 6.73 -1.08
CA SER A 154 -10.88 5.53 -0.45
C SER A 154 -9.93 5.87 0.68
N ALA A 155 -9.56 4.85 1.44
CA ALA A 155 -8.66 5.02 2.59
C ALA A 155 -7.74 3.82 2.72
N ALA A 156 -6.54 4.07 3.27
CA ALA A 156 -5.54 3.04 3.51
C ALA A 156 -5.59 2.82 5.01
N VAL A 157 -5.92 1.59 5.43
CA VAL A 157 -6.05 1.32 6.85
C VAL A 157 -5.00 0.38 7.47
N SER A 158 -4.71 0.60 8.76
CA SER A 158 -3.73 -0.23 9.47
C SER A 158 -4.29 -1.64 9.52
N ALA A 159 -3.42 -2.64 9.50
CA ALA A 159 -3.90 -4.02 9.56
C ALA A 159 -3.59 -4.64 10.91
N GLY A 160 -3.17 -3.81 11.86
CA GLY A 160 -2.84 -4.30 13.19
C GLY A 160 -4.01 -4.11 14.15
N LYS A 161 -4.48 -5.22 14.72
CA LYS A 161 -5.60 -5.24 15.65
C LYS A 161 -5.64 -4.06 16.62
N ILE A 162 -4.54 -3.80 17.29
CA ILE A 162 -4.53 -2.70 18.24
C ILE A 162 -4.73 -1.35 17.58
N ALA A 163 -4.12 -1.13 16.42
CA ALA A 163 -4.29 0.14 15.70
C ALA A 163 -5.74 0.31 15.25
N ILE A 164 -6.35 -0.80 14.85
CA ILE A 164 -7.73 -0.79 14.39
C ILE A 164 -8.70 -0.48 15.53
N ASP A 165 -8.40 -0.99 16.73
CA ASP A 165 -9.28 -0.74 17.87
C ASP A 165 -9.14 0.68 18.36
N ARG A 166 -7.91 1.17 18.36
CA ARG A 166 -7.58 2.50 18.82
C ARG A 166 -8.15 3.66 18.02
N GLY A 167 -7.93 3.67 16.71
CA GLY A 167 -8.39 4.82 15.93
C GLY A 167 -9.36 4.74 14.78
N TYR A 168 -10.04 3.61 14.59
CA TYR A 168 -10.98 3.49 13.49
C TYR A 168 -12.37 2.98 13.86
N ASP A 169 -13.40 3.66 13.36
CA ASP A 169 -14.77 3.21 13.58
C ASP A 169 -15.09 2.59 12.22
N ILE A 170 -14.61 1.37 12.03
CA ILE A 170 -14.78 0.64 10.79
C ILE A 170 -16.20 0.54 10.25
N ALA A 171 -17.16 0.20 11.10
CA ALA A 171 -18.54 0.09 10.65
C ALA A 171 -19.03 1.41 10.07
N GLN A 172 -18.62 2.52 10.67
CA GLN A 172 -19.03 3.82 10.20
C GLN A 172 -18.42 4.18 8.87
N ILE A 173 -17.09 4.25 8.81
CA ILE A 173 -16.45 4.66 7.56
C ILE A 173 -16.64 3.78 6.34
N SER A 174 -16.99 2.51 6.52
CA SER A 174 -17.20 1.65 5.35
C SER A 174 -18.44 2.04 4.56
N ARG A 175 -19.43 2.65 5.22
CA ARG A 175 -20.61 3.00 4.45
C ARG A 175 -20.36 4.21 3.55
N HIS A 176 -19.35 5.00 3.85
CA HIS A 176 -19.04 6.17 3.04
C HIS A 176 -17.88 6.01 2.04
N LEU A 177 -16.95 5.08 2.31
CA LEU A 177 -15.78 4.84 1.47
C LEU A 177 -16.09 3.90 0.32
N ASP A 178 -15.49 4.15 -0.84
CA ASP A 178 -15.73 3.31 -2.01
C ASP A 178 -15.02 1.96 -1.88
N PHE A 179 -13.77 1.99 -1.41
CA PHE A 179 -13.02 0.78 -1.10
C PHE A 179 -12.04 1.14 0.02
N ILE A 180 -11.63 0.11 0.75
CA ILE A 180 -10.72 0.24 1.89
C ILE A 180 -9.51 -0.65 1.60
N SER A 181 -8.30 -0.09 1.66
CA SER A 181 -7.11 -0.89 1.40
C SER A 181 -6.46 -1.33 2.70
N LEU A 182 -6.39 -2.64 2.93
CA LEU A 182 -5.78 -3.17 4.16
C LEU A 182 -4.27 -3.24 4.03
N LEU A 183 -3.56 -2.50 4.88
CA LEU A 183 -2.10 -2.49 4.86
C LEU A 183 -1.53 -3.75 5.50
N THR A 184 -1.80 -4.89 4.90
CA THR A 184 -1.34 -6.16 5.43
C THR A 184 0.11 -6.52 5.12
N TYR A 185 1.05 -5.69 5.57
CA TYR A 185 2.46 -5.97 5.33
C TYR A 185 3.46 -5.20 6.20
N ASP A 186 2.98 -4.54 7.25
CA ASP A 186 3.87 -3.82 8.17
C ASP A 186 3.77 -4.55 9.50
N PHE A 187 3.61 -5.86 9.43
CA PHE A 187 3.43 -6.67 10.63
C PHE A 187 4.61 -6.78 11.57
N HIS A 188 5.77 -7.18 11.08
CA HIS A 188 6.90 -7.23 11.98
C HIS A 188 7.28 -5.76 12.12
N GLY A 189 6.72 -5.12 13.14
CA GLY A 189 6.93 -3.70 13.38
C GLY A 189 8.35 -3.30 13.72
N ALA A 190 8.83 -2.28 13.00
CA ALA A 190 10.19 -1.75 13.19
C ALA A 190 10.86 -2.08 14.52
N TRP A 191 10.08 -2.07 15.60
CA TRP A 191 10.62 -2.29 16.94
C TRP A 191 11.56 -3.45 17.29
N ARG A 192 11.06 -4.67 17.49
CA ARG A 192 11.96 -5.72 17.94
C ARG A 192 13.13 -6.31 17.18
N GLN A 193 13.99 -6.93 17.96
CA GLN A 193 15.22 -7.54 17.50
C GLN A 193 15.19 -9.03 17.29
N THR A 194 14.21 -9.50 16.54
CA THR A 194 14.14 -10.90 16.19
C THR A 194 13.75 -10.90 14.73
N VAL A 195 14.34 -11.83 14.01
CA VAL A 195 14.06 -12.00 12.60
C VAL A 195 12.59 -12.40 12.49
N GLY A 196 11.88 -11.92 11.46
CA GLY A 196 10.48 -12.25 11.27
C GLY A 196 9.93 -11.76 9.95
N HIS A 197 8.86 -12.37 9.43
CA HIS A 197 8.30 -11.92 8.17
C HIS A 197 7.25 -10.84 8.34
N HIS A 198 7.42 -9.74 7.61
CA HIS A 198 6.50 -8.60 7.71
C HIS A 198 5.13 -8.82 7.11
N SER A 199 4.97 -9.77 6.19
CA SER A 199 3.67 -9.99 5.57
C SER A 199 3.25 -11.46 5.49
N PRO A 200 3.19 -12.16 6.63
CA PRO A 200 2.79 -13.56 6.57
C PRO A 200 1.32 -13.66 6.25
N LEU A 201 0.92 -14.73 5.56
CA LEU A 201 -0.48 -14.90 5.20
C LEU A 201 -1.21 -15.48 6.39
N PHE A 202 -0.66 -16.56 6.94
CA PHE A 202 -1.27 -17.26 8.06
C PHE A 202 -0.57 -17.12 9.40
N ARG A 203 -1.24 -17.63 10.42
CA ARG A 203 -0.76 -17.58 11.80
C ARG A 203 0.65 -18.11 12.02
N GLY A 204 1.09 -19.08 11.23
CA GLY A 204 2.43 -19.61 11.44
C GLY A 204 2.41 -20.59 12.60
N ASN A 205 1.51 -21.57 12.45
CA ASN A 205 1.20 -22.68 13.36
C ASN A 205 2.22 -22.86 14.49
N SER A 206 3.52 -22.79 14.21
CA SER A 206 4.44 -22.93 15.31
C SER A 206 4.73 -21.63 16.09
N ASP A 207 3.71 -20.85 16.51
CA ASP A 207 3.96 -19.64 17.34
C ASP A 207 2.73 -19.09 18.07
N ALA A 208 2.86 -19.06 19.39
CA ALA A 208 1.83 -18.64 20.34
C ALA A 208 1.34 -17.19 20.37
N SER A 209 2.26 -16.23 20.51
CA SER A 209 1.87 -14.83 20.64
C SER A 209 1.95 -13.96 19.39
N SER A 210 1.05 -12.99 19.33
CA SER A 210 1.01 -12.10 18.18
C SER A 210 0.54 -12.95 17.01
N ARG A 211 -0.66 -13.49 17.18
CA ARG A 211 -1.32 -14.30 16.18
C ARG A 211 -2.14 -13.29 15.40
N PHE A 212 -2.21 -12.09 15.96
CA PHE A 212 -2.94 -10.99 15.35
C PHE A 212 -2.17 -10.45 14.16
N SER A 213 -0.94 -10.92 13.97
CA SER A 213 -0.09 -10.43 12.91
C SER A 213 0.06 -11.24 11.62
N ASN A 214 -0.96 -11.16 10.76
CA ASN A 214 -0.98 -11.84 9.48
C ASN A 214 -2.21 -11.43 8.70
N ALA A 215 -2.13 -11.49 7.38
CA ALA A 215 -3.23 -11.11 6.53
C ALA A 215 -4.55 -11.76 6.98
N ASP A 216 -4.51 -13.05 7.27
CA ASP A 216 -5.71 -13.75 7.68
C ASP A 216 -6.46 -13.19 8.89
N TYR A 217 -5.76 -12.92 9.98
CA TYR A 217 -6.44 -12.39 11.14
C TYR A 217 -7.02 -11.03 10.81
N ALA A 218 -6.19 -10.17 10.23
CA ALA A 218 -6.61 -8.83 9.87
C ALA A 218 -7.90 -8.85 9.06
N VAL A 219 -7.93 -9.67 8.01
CA VAL A 219 -9.13 -9.74 7.17
C VAL A 219 -10.35 -10.22 7.94
N SER A 220 -10.21 -11.32 8.68
CA SER A 220 -11.34 -11.84 9.44
C SER A 220 -11.82 -10.82 10.46
N TYR A 221 -10.89 -10.10 11.06
CA TYR A 221 -11.23 -9.09 12.05
C TYR A 221 -12.02 -7.95 11.43
N MET A 222 -11.58 -7.47 10.27
CA MET A 222 -12.29 -6.38 9.60
C MET A 222 -13.72 -6.79 9.26
N LEU A 223 -13.92 -8.03 8.83
CA LEU A 223 -15.26 -8.47 8.50
C LEU A 223 -16.09 -8.56 9.78
N ARG A 224 -15.48 -9.00 10.88
CA ARG A 224 -16.19 -9.10 12.15
C ARG A 224 -16.62 -7.69 12.56
N LEU A 225 -15.73 -6.72 12.42
CA LEU A 225 -16.05 -5.35 12.80
C LEU A 225 -17.15 -4.71 11.95
N GLY A 226 -17.42 -5.26 10.77
CA GLY A 226 -18.48 -4.68 9.97
C GLY A 226 -18.17 -4.20 8.56
N ALA A 227 -16.90 -4.25 8.16
CA ALA A 227 -16.55 -3.84 6.81
C ALA A 227 -17.10 -4.87 5.83
N PRO A 228 -17.85 -4.43 4.82
CA PRO A 228 -18.35 -5.48 3.91
C PRO A 228 -17.27 -5.97 2.95
N ALA A 229 -17.31 -7.26 2.65
CA ALA A 229 -16.31 -7.86 1.77
C ALA A 229 -16.18 -7.15 0.44
N ASN A 230 -17.28 -6.66 -0.15
CA ASN A 230 -17.16 -6.01 -1.44
C ASN A 230 -16.45 -4.65 -1.45
N LYS A 231 -15.95 -4.22 -0.30
CA LYS A 231 -15.22 -2.96 -0.23
C LYS A 231 -13.81 -3.17 0.30
N LEU A 232 -13.50 -4.39 0.73
CA LEU A 232 -12.19 -4.70 1.26
C LEU A 232 -11.19 -5.05 0.18
N VAL A 233 -10.02 -4.43 0.27
CA VAL A 233 -8.95 -4.70 -0.68
C VAL A 233 -7.73 -5.07 0.16
N MET A 234 -7.16 -6.24 -0.11
CA MET A 234 -6.01 -6.71 0.63
C MET A 234 -4.69 -6.24 0.05
N GLY A 235 -3.87 -5.62 0.91
CA GLY A 235 -2.58 -5.10 0.48
C GLY A 235 -1.51 -6.17 0.30
N ILE A 236 -0.86 -6.14 -0.85
CA ILE A 236 0.20 -7.10 -1.15
C ILE A 236 1.46 -6.29 -1.39
N PRO A 237 2.56 -6.61 -0.68
CA PRO A 237 3.76 -5.82 -0.91
C PRO A 237 4.59 -6.29 -2.07
N THR A 238 5.38 -5.36 -2.59
CA THR A 238 6.23 -5.66 -3.71
C THR A 238 7.68 -5.37 -3.32
N PHE A 239 7.92 -5.32 -2.01
CA PHE A 239 9.24 -5.08 -1.46
C PHE A 239 9.57 -6.08 -0.36
N GLY A 240 10.80 -5.99 0.12
CA GLY A 240 11.23 -6.88 1.18
C GLY A 240 11.75 -6.09 2.34
N ARG A 241 11.65 -6.66 3.53
CA ARG A 241 12.14 -6.00 4.72
C ARG A 241 13.42 -6.78 5.07
N SER A 242 14.54 -6.06 5.16
CA SER A 242 15.85 -6.65 5.45
C SER A 242 16.38 -6.44 6.87
N PHE A 243 17.30 -7.32 7.27
CA PHE A 243 17.92 -7.29 8.60
C PHE A 243 19.38 -7.67 8.60
N THR A 244 20.14 -7.07 9.50
CA THR A 244 21.55 -7.42 9.65
C THR A 244 21.57 -8.35 10.87
N LEU A 245 21.89 -9.61 10.63
CA LEU A 245 21.94 -10.61 11.70
C LEU A 245 22.99 -10.26 12.75
N ALA A 246 22.83 -10.82 13.93
CA ALA A 246 23.77 -10.59 15.02
C ALA A 246 24.38 -11.90 15.49
N SER A 247 24.09 -12.97 14.77
CA SER A 247 24.63 -14.29 15.09
C SER A 247 24.59 -15.14 13.83
N SER A 248 25.08 -16.36 13.94
CA SER A 248 25.08 -17.25 12.79
C SER A 248 23.74 -17.97 12.70
N LYS A 249 22.84 -17.71 13.64
CA LYS A 249 21.53 -18.37 13.60
C LYS A 249 20.71 -17.69 12.51
N THR A 250 20.02 -18.50 11.71
CA THR A 250 19.26 -18.01 10.58
C THR A 250 17.76 -18.35 10.58
N ASP A 251 17.34 -19.30 11.41
CA ASP A 251 15.94 -19.70 11.48
C ASP A 251 15.09 -18.76 12.34
N VAL A 252 13.81 -19.10 12.49
CA VAL A 252 12.89 -18.29 13.29
C VAL A 252 13.42 -18.02 14.70
N GLY A 253 13.31 -16.76 15.13
CA GLY A 253 13.78 -16.39 16.46
C GLY A 253 15.16 -15.76 16.50
N ALA A 254 16.00 -16.10 15.52
CA ALA A 254 17.36 -15.57 15.42
C ALA A 254 17.47 -14.08 15.79
N PRO A 255 18.55 -13.69 16.48
CA PRO A 255 18.73 -12.29 16.89
C PRO A 255 19.12 -11.30 15.78
N ILE A 256 18.85 -10.02 16.03
CA ILE A 256 19.09 -8.95 15.08
C ILE A 256 19.84 -7.73 15.63
N SER A 257 20.89 -7.29 14.95
CA SER A 257 21.63 -6.14 15.46
C SER A 257 21.07 -4.82 14.91
N GLY A 258 20.24 -4.92 13.87
CA GLY A 258 19.66 -3.73 13.28
C GLY A 258 19.10 -3.99 11.89
N PRO A 259 18.68 -2.94 11.15
CA PRO A 259 18.14 -3.14 9.81
C PRO A 259 19.23 -3.59 8.83
N GLY A 260 18.83 -4.08 7.66
CA GLY A 260 19.79 -4.52 6.67
C GLY A 260 20.45 -3.36 5.92
N ILE A 261 21.54 -3.64 5.21
CA ILE A 261 22.26 -2.63 4.45
C ILE A 261 21.34 -2.10 3.34
N PRO A 262 21.53 -0.85 2.93
CA PRO A 262 20.68 -0.28 1.87
C PRO A 262 20.86 -0.99 0.53
N GLY A 263 19.85 -0.87 -0.33
CA GLY A 263 19.92 -1.47 -1.64
C GLY A 263 20.60 -0.47 -2.56
N ARG A 264 21.28 -0.96 -3.59
CA ARG A 264 22.01 -0.10 -4.51
C ARG A 264 21.21 1.04 -5.14
N PHE A 265 19.92 0.81 -5.36
CA PHE A 265 19.05 1.80 -6.00
C PHE A 265 18.09 2.50 -5.06
N THR A 266 17.59 1.73 -4.13
CA THR A 266 16.62 2.15 -3.14
C THR A 266 17.21 3.09 -2.07
N LYS A 267 18.49 2.91 -1.77
CA LYS A 267 19.18 3.72 -0.79
C LYS A 267 18.43 4.00 0.52
N GLU A 268 17.86 2.97 1.13
CA GLU A 268 17.13 3.13 2.38
C GLU A 268 17.27 1.85 3.22
N LYS A 269 17.82 1.97 4.42
CA LYS A 269 18.01 0.83 5.32
C LYS A 269 16.70 0.06 5.63
N GLY A 270 16.78 -1.26 5.72
CA GLY A 270 15.60 -2.03 6.06
C GLY A 270 14.66 -2.49 4.96
N ILE A 271 14.76 -1.87 3.80
CA ILE A 271 13.90 -2.27 2.70
C ILE A 271 14.68 -2.48 1.41
N LEU A 272 14.07 -3.24 0.52
CA LEU A 272 14.67 -3.58 -0.74
C LEU A 272 13.56 -3.74 -1.77
N ALA A 273 13.73 -3.16 -2.95
CA ALA A 273 12.73 -3.32 -3.98
C ALA A 273 12.76 -4.78 -4.45
N TYR A 274 11.69 -5.24 -5.07
CA TYR A 274 11.68 -6.61 -5.52
C TYR A 274 12.77 -6.85 -6.54
N TYR A 275 12.95 -5.92 -7.47
CA TYR A 275 13.99 -6.09 -8.49
C TYR A 275 15.37 -6.13 -7.86
N GLU A 276 15.52 -5.57 -6.66
CA GLU A 276 16.80 -5.59 -5.97
C GLU A 276 16.96 -6.97 -5.34
N ILE A 277 15.86 -7.51 -4.83
CA ILE A 277 15.84 -8.84 -4.22
C ILE A 277 16.16 -9.91 -5.25
N CYS A 278 15.81 -9.66 -6.52
CA CYS A 278 16.09 -10.63 -7.57
C CYS A 278 17.59 -10.76 -7.76
N ASP A 279 18.28 -9.63 -7.74
CA ASP A 279 19.70 -9.63 -7.91
C ASP A 279 20.32 -10.25 -6.68
N PHE A 280 19.83 -9.85 -5.52
CA PHE A 280 20.30 -10.35 -4.23
C PHE A 280 20.29 -11.87 -4.09
N LEU A 281 19.25 -12.51 -4.63
CA LEU A 281 19.10 -13.96 -4.55
C LEU A 281 20.29 -14.78 -5.04
N HIS A 282 21.01 -14.28 -6.04
CA HIS A 282 22.19 -14.99 -6.55
C HIS A 282 23.22 -15.19 -5.44
N GLY A 283 23.41 -16.45 -5.05
CA GLY A 283 24.36 -16.74 -3.99
C GLY A 283 23.70 -16.72 -2.62
N ALA A 284 22.39 -16.57 -2.60
CA ALA A 284 21.64 -16.54 -1.35
C ALA A 284 20.99 -17.89 -1.13
N THR A 285 20.67 -18.19 0.12
CA THR A 285 20.00 -19.45 0.45
C THR A 285 18.55 -19.04 0.62
N THR A 286 17.64 -19.79 0.02
CA THR A 286 16.23 -19.49 0.10
C THR A 286 15.46 -20.45 1.00
N HIS A 287 14.60 -19.90 1.84
CA HIS A 287 13.78 -20.71 2.71
C HIS A 287 12.36 -20.24 2.55
N ARG A 288 11.42 -21.01 3.08
CA ARG A 288 10.02 -20.66 2.95
C ARG A 288 9.21 -21.22 4.10
N PHE A 289 8.61 -20.35 4.89
CA PHE A 289 7.77 -20.76 6.01
C PHE A 289 6.53 -21.45 5.44
N ARG A 290 6.44 -22.76 5.61
CA ARG A 290 5.29 -23.49 5.11
C ARG A 290 4.01 -23.01 5.81
N ASP A 291 4.12 -22.78 7.11
CA ASP A 291 3.00 -22.30 7.92
C ASP A 291 2.37 -21.00 7.41
N GLN A 292 3.20 -19.97 7.22
CA GLN A 292 2.74 -18.66 6.74
C GLN A 292 2.73 -18.53 5.22
N GLN A 293 3.38 -19.48 4.55
CA GLN A 293 3.41 -19.49 3.10
C GLN A 293 4.07 -18.26 2.48
N VAL A 294 5.21 -17.85 3.05
CA VAL A 294 5.95 -16.73 2.52
C VAL A 294 7.42 -17.10 2.57
N PRO A 295 8.22 -16.61 1.61
CA PRO A 295 9.65 -16.90 1.53
C PRO A 295 10.58 -15.94 2.26
N TYR A 296 11.81 -16.39 2.50
CA TYR A 296 12.83 -15.54 3.09
C TYR A 296 14.19 -16.06 2.63
N ALA A 297 15.18 -15.17 2.57
CA ALA A 297 16.52 -15.55 2.11
C ALA A 297 17.62 -14.96 2.98
N THR A 298 18.78 -15.61 2.94
CA THR A 298 19.94 -15.14 3.68
C THR A 298 21.18 -15.25 2.81
N LYS A 299 22.19 -14.47 3.17
CA LYS A 299 23.43 -14.41 2.42
C LYS A 299 24.31 -13.55 3.33
N GLY A 300 25.46 -14.07 3.75
CA GLY A 300 26.29 -13.29 4.64
C GLY A 300 25.51 -13.06 5.91
N ASN A 301 25.50 -11.83 6.42
CA ASN A 301 24.76 -11.54 7.64
C ASN A 301 23.49 -10.75 7.32
N GLN A 302 23.00 -10.92 6.09
CA GLN A 302 21.78 -10.25 5.66
C GLN A 302 20.63 -11.26 5.54
N TRP A 303 19.54 -10.98 6.26
CA TRP A 303 18.35 -11.84 6.26
C TRP A 303 17.23 -11.02 5.64
N VAL A 304 16.62 -11.55 4.57
CA VAL A 304 15.54 -10.86 3.86
C VAL A 304 14.23 -11.63 3.85
N ALA A 305 13.15 -10.94 4.24
CA ALA A 305 11.80 -11.50 4.26
C ALA A 305 11.11 -10.81 3.09
N TYR A 306 10.55 -11.58 2.15
CA TYR A 306 9.94 -10.96 0.99
C TYR A 306 8.81 -11.77 0.37
N ASP A 307 8.32 -11.29 -0.79
CA ASP A 307 7.25 -11.97 -1.51
C ASP A 307 7.64 -12.28 -2.95
N ASP A 308 7.47 -13.53 -3.36
CA ASP A 308 7.78 -13.87 -4.73
C ASP A 308 6.48 -14.15 -5.47
N GLN A 309 6.58 -14.59 -6.71
CA GLN A 309 5.39 -14.85 -7.50
C GLN A 309 4.39 -15.80 -6.89
N GLU A 310 4.85 -16.91 -6.32
CA GLU A 310 3.85 -17.81 -5.80
C GLU A 310 3.28 -17.42 -4.45
N SER A 311 4.04 -16.70 -3.63
CA SER A 311 3.47 -16.30 -2.36
C SER A 311 2.42 -15.25 -2.71
N VAL A 312 2.67 -14.53 -3.79
CA VAL A 312 1.74 -13.51 -4.23
C VAL A 312 0.49 -14.12 -4.89
N LYS A 313 0.66 -15.22 -5.63
CA LYS A 313 -0.48 -15.89 -6.27
C LYS A 313 -1.37 -16.44 -5.17
N ASN A 314 -0.74 -16.78 -4.07
CA ASN A 314 -1.40 -17.36 -2.92
C ASN A 314 -2.37 -16.44 -2.23
N LYS A 315 -1.84 -15.25 -1.91
CA LYS A 315 -2.61 -14.24 -1.25
C LYS A 315 -3.78 -13.92 -2.16
N ALA A 316 -3.52 -13.82 -3.46
CA ALA A 316 -4.57 -13.54 -4.43
C ALA A 316 -5.63 -14.64 -4.40
N ARG A 317 -5.21 -15.90 -4.36
CA ARG A 317 -6.18 -17.00 -4.30
C ARG A 317 -7.03 -16.84 -3.04
N TYR A 318 -6.37 -16.57 -1.93
CA TYR A 318 -7.02 -16.40 -0.64
C TYR A 318 -8.11 -15.33 -0.67
N LEU A 319 -7.70 -14.15 -1.10
CA LEU A 319 -8.56 -12.99 -1.21
C LEU A 319 -9.85 -13.31 -2.01
N LYS A 320 -9.71 -14.11 -3.06
CA LYS A 320 -10.86 -14.50 -3.89
C LYS A 320 -11.79 -15.41 -3.11
N ASN A 321 -11.21 -16.38 -2.40
CA ASN A 321 -11.97 -17.33 -1.60
C ASN A 321 -12.76 -16.68 -0.49
N ARG A 322 -12.26 -15.55 0.01
CA ARG A 322 -13.01 -14.86 1.06
C ARG A 322 -13.89 -13.81 0.40
N GLN A 323 -13.84 -13.78 -0.93
CA GLN A 323 -14.66 -12.88 -1.73
C GLN A 323 -14.50 -11.40 -1.45
N LEU A 324 -13.25 -10.96 -1.42
CA LEU A 324 -12.97 -9.56 -1.18
C LEU A 324 -13.05 -8.83 -2.52
N ALA A 325 -13.04 -7.50 -2.46
CA ALA A 325 -13.15 -6.67 -3.66
C ALA A 325 -11.98 -6.75 -4.62
N GLY A 326 -10.79 -6.99 -4.10
CA GLY A 326 -9.64 -7.07 -4.97
C GLY A 326 -8.36 -6.98 -4.18
N ALA A 327 -7.27 -6.67 -4.86
CA ALA A 327 -5.97 -6.57 -4.22
C ALA A 327 -5.41 -5.19 -4.38
N MET A 328 -4.50 -4.82 -3.48
CA MET A 328 -3.84 -3.53 -3.52
C MET A 328 -2.36 -3.87 -3.56
N VAL A 329 -1.62 -3.18 -4.42
CA VAL A 329 -0.17 -3.38 -4.55
C VAL A 329 0.63 -2.13 -4.19
N TRP A 330 1.65 -2.34 -3.36
CA TRP A 330 2.55 -1.28 -2.95
C TRP A 330 3.94 -1.85 -3.18
N ALA A 331 4.62 -1.38 -4.23
CA ALA A 331 4.12 -0.36 -5.14
C ALA A 331 4.70 -0.70 -6.52
N LEU A 332 4.09 -0.15 -7.56
CA LEU A 332 4.52 -0.44 -8.94
C LEU A 332 6.00 -0.18 -9.19
N ASP A 333 6.50 0.89 -8.60
CA ASP A 333 7.88 1.26 -8.83
C ASP A 333 8.90 0.43 -8.06
N LEU A 334 8.43 -0.55 -7.28
CA LEU A 334 9.34 -1.41 -6.50
C LEU A 334 9.39 -2.81 -7.11
N ASP A 335 8.43 -3.07 -7.98
CA ASP A 335 8.28 -4.33 -8.71
C ASP A 335 9.29 -4.21 -9.84
N ASP A 336 9.55 -5.29 -10.57
CA ASP A 336 10.49 -5.20 -11.68
C ASP A 336 9.73 -4.55 -12.86
N PHE A 337 9.63 -3.23 -12.83
CA PHE A 337 8.90 -2.54 -13.87
C PHE A 337 9.56 -2.54 -15.26
N ARG A 338 10.89 -2.64 -15.30
CA ARG A 338 11.58 -2.69 -16.60
C ARG A 338 11.53 -4.14 -17.08
N GLY A 339 11.53 -5.07 -16.12
CA GLY A 339 11.47 -6.48 -16.44
C GLY A 339 12.83 -7.05 -16.84
N THR A 340 13.88 -6.38 -16.41
CA THR A 340 15.23 -6.78 -16.75
C THR A 340 16.08 -7.14 -15.56
N PHE A 341 15.47 -7.33 -14.40
CA PHE A 341 16.24 -7.69 -13.21
C PHE A 341 16.01 -9.10 -12.72
N CYS A 342 14.82 -9.65 -12.99
CA CYS A 342 14.46 -10.97 -12.50
C CYS A 342 14.32 -12.11 -13.48
N GLY A 343 15.44 -12.70 -13.92
CA GLY A 343 15.32 -13.80 -14.84
C GLY A 343 14.33 -13.42 -15.92
N GLN A 344 13.26 -14.21 -16.07
CA GLN A 344 12.20 -13.98 -17.07
C GLN A 344 12.13 -12.56 -17.62
N ASN A 345 11.78 -12.44 -18.89
CA ASN A 345 11.71 -11.13 -19.53
C ASN A 345 10.35 -10.46 -19.39
N LEU A 346 9.62 -10.82 -18.34
CA LEU A 346 8.29 -10.26 -18.07
C LEU A 346 8.41 -8.90 -17.35
N THR A 347 7.52 -7.97 -17.67
CA THR A 347 7.52 -6.66 -17.05
C THR A 347 6.49 -6.69 -15.90
N PHE A 348 6.88 -6.20 -14.72
CA PHE A 348 6.01 -6.21 -13.52
C PHE A 348 5.65 -7.66 -13.17
N PRO A 349 6.65 -8.51 -12.92
CA PRO A 349 6.32 -9.90 -12.59
C PRO A 349 5.35 -10.11 -11.43
N LEU A 350 5.61 -9.43 -10.32
CA LEU A 350 4.77 -9.56 -9.14
C LEU A 350 3.35 -9.07 -9.32
N THR A 351 3.19 -7.88 -9.88
CA THR A 351 1.82 -7.38 -10.02
C THR A 351 1.00 -8.22 -11.00
N SER A 352 1.64 -8.82 -12.00
CA SER A 352 0.95 -9.64 -12.99
C SER A 352 0.42 -10.95 -12.40
N ALA A 353 1.21 -11.55 -11.52
CA ALA A 353 0.81 -12.80 -10.91
C ALA A 353 -0.50 -12.54 -10.19
N VAL A 354 -0.56 -11.40 -9.50
CA VAL A 354 -1.79 -11.07 -8.78
C VAL A 354 -2.90 -10.96 -9.83
N LYS A 355 -2.62 -10.24 -10.91
CA LYS A 355 -3.60 -10.06 -11.97
C LYS A 355 -4.01 -11.35 -12.67
N ASP A 356 -3.07 -12.28 -12.83
CA ASP A 356 -3.39 -13.55 -13.46
C ASP A 356 -4.38 -14.30 -12.61
N VAL A 357 -4.07 -14.48 -11.35
CA VAL A 357 -4.97 -15.19 -10.45
C VAL A 357 -6.32 -14.50 -10.39
N LEU A 358 -6.31 -13.17 -10.38
CA LEU A 358 -7.56 -12.42 -10.29
C LEU A 358 -8.44 -12.55 -11.53
N ALA A 359 -7.83 -12.76 -12.69
CA ALA A 359 -8.57 -12.88 -13.94
C ALA A 359 -9.17 -14.26 -14.15
N ARG A 360 -8.80 -15.22 -13.31
CA ARG A 360 -9.31 -16.59 -13.42
C ARG A 360 -10.76 -16.81 -12.95
N VAL A 361 -11.28 -15.88 -12.15
CA VAL A 361 -12.64 -15.94 -11.57
C VAL A 361 -12.57 -16.44 -10.13
C1 NAG B . 3.73 20.61 2.88
C2 NAG B . 4.99 21.27 2.24
C3 NAG B . 5.90 22.11 3.23
C4 NAG B . 5.07 23.00 4.18
C5 NAG B . 3.84 22.18 4.62
C6 NAG B . 3.02 22.96 5.58
C7 NAG B . 5.99 20.15 0.42
C8 NAG B . 6.76 19.00 -0.17
N2 NAG B . 5.81 20.20 1.73
O3 NAG B . 6.73 22.94 2.46
O4 NAG B . 5.70 23.29 5.43
O5 NAG B . 3.01 21.69 3.53
O6 NAG B . 2.40 23.98 4.84
O7 NAG B . 5.54 21.03 -0.31
C1 NAG B . 6.74 24.08 5.82
C2 NAG B . 6.55 24.17 7.36
C3 NAG B . 7.10 25.45 8.04
C4 NAG B . 7.85 26.37 7.08
C5 NAG B . 7.13 26.55 5.77
C6 NAG B . 7.95 27.40 4.80
C7 NAG B . 4.85 23.06 8.85
C8 NAG B . 5.84 22.04 9.38
N2 NAG B . 5.17 23.90 7.83
O3 NAG B . 8.04 25.04 9.04
O4 NAG B . 7.96 27.66 7.66
O5 NAG B . 6.80 25.31 5.04
O6 NAG B . 7.35 28.67 4.59
O7 NAG B . 3.71 23.09 9.37
C1 NAG C . 2.36 1.73 3.46
C2 NAG C . 2.20 3.27 3.34
C3 NAG C . 3.48 4.10 3.06
C4 NAG C . 4.78 3.40 3.58
C5 NAG C . 4.85 1.95 3.09
C6 NAG C . 6.06 1.32 3.83
C7 NAG C . 0.10 3.70 2.22
C8 NAG C . -0.81 2.51 2.01
N2 NAG C . 1.40 3.47 2.17
O1 NAG C . 1.78 1.22 4.60
O3 NAG C . 3.35 5.40 3.61
O4 NAG C . 6.15 4.02 3.40
O5 NAG C . 3.67 1.12 3.31
O6 NAG C . 5.94 -0.06 4.13
O7 NAG C . -0.34 4.82 2.31
C1 NAG C . 6.60 4.76 2.27
C2 NAG C . 8.14 4.49 1.84
C3 NAG C . 9.23 5.54 2.20
C4 NAG C . 8.63 6.89 1.94
C5 NAG C . 7.41 7.06 2.85
C6 NAG C . 6.82 8.43 2.68
C7 NAG C . 8.77 2.27 1.16
C8 NAG C . 9.46 0.96 1.49
N2 NAG C . 8.71 3.17 2.13
O3 NAG C . 10.41 5.38 1.37
O4 NAG C . 9.58 7.93 2.21
O5 NAG C . 6.30 6.18 2.49
O6 NAG C . 5.61 8.53 3.43
O7 NAG C . 8.28 2.45 0.05
C1 NAG C . 10.32 8.35 1.17
C2 NAG C . 10.12 9.79 1.02
C3 NAG C . 10.96 10.28 -0.17
C4 NAG C . 12.46 9.81 -0.02
C5 NAG C . 12.46 8.28 0.28
C6 NAG C . 13.72 7.35 0.21
C7 NAG C . 8.10 11.12 0.94
C8 NAG C . 6.89 11.32 0.07
N2 NAG C . 8.70 9.93 0.79
O3 NAG C . 10.88 11.70 -0.23
O4 NAG C . 13.07 9.96 -1.34
O5 NAG C . 11.66 8.01 1.44
O6 NAG C . 14.49 7.31 1.43
O7 NAG C . 8.44 12.01 1.75
C1 NAG C . 13.77 11.17 -1.53
C2 NAG C . 14.72 11.03 -2.77
C3 NAG C . 15.41 12.37 -3.09
C4 NAG C . 14.33 13.53 -3.00
C5 NAG C . 13.40 13.56 -1.78
C6 NAG C . 12.33 14.69 -2.01
C7 NAG C . 16.74 9.43 -2.36
C8 NAG C . 18.01 10.35 -2.22
N2 NAG C . 15.52 9.78 -2.86
O3 NAG C . 15.85 12.27 -4.44
O4 NAG C . 15.00 14.78 -3.00
O5 NAG C . 12.78 12.25 -1.68
O6 NAG C . 11.03 14.28 -1.65
O7 NAG C . 16.97 8.23 -2.07
C1 NAG C . 14.82 15.70 -4.11
C2 NAG C . 14.53 17.11 -3.69
C3 NAG C . 13.98 17.93 -4.85
C4 NAG C . 15.17 17.98 -5.89
C5 NAG C . 15.66 16.51 -6.13
C6 NAG C . 16.98 16.29 -6.78
C7 NAG C . 14.93 17.98 -1.63
C8 NAG C . 15.54 17.10 -0.55
N2 NAG C . 14.02 17.41 -2.39
O3 NAG C . 13.72 19.25 -4.37
O4 NAG C . 14.74 18.55 -7.14
O5 NAG C . 15.92 15.78 -4.94
O6 NAG C . 17.35 14.91 -6.64
O7 NAG C . 15.35 19.13 -1.82
#